data_4XIB
#
_entry.id   4XIB
#
_cell.length_a   74.131
_cell.length_b   74.131
_cell.length_c   170.174
_cell.angle_alpha   90.000
_cell.angle_beta   90.000
_cell.angle_gamma   90.000
#
_symmetry.space_group_name_H-M   'P 41 2 2'
#
loop_
_entity.id
_entity.type
_entity.pdbx_description
1 polymer 'E3 ubiquitin-protein ligase MIB1'
2 polymer 'Delta N-box peptide'
3 non-polymer 'ZINC ION'
4 non-polymer 'SULFATE ION'
5 water water
#
loop_
_entity_poly.entity_id
_entity_poly.type
_entity_poly.pdbx_seq_one_letter_code
_entity_poly.pdbx_strand_id
1 'polypeptide(L)'
;SRVMVEGVGARVVRGPDWKWGKQDGGEGHVGTVRSFESPEEVVVVWDNGTAANYRCSGAYDLRILDSAPTGIKHDGTMCD
TCRQQPIIGIRWKCAECTNYDLCTVCYHGDKHHLRHRFYRITTPGSERVLLESRRKSKKITARGIFAGARVVRGVDWQWE
DQDGGNGRRGKVTEIQDWSASSPHSAAYVLWDNGAKNLYRVGFEGMSDLKCVQDAKGGSFYRDHCPVLGEQNGNRNPGGL
QIGDLVNIDLDLEIVQSLQHGHGGWTDGMFETLTTTGTVCGIDEDHDIVVQYPSGNRWTFNPAVLTKASQFQVGDLVQVC
YDLERIKLLQRGHGEWAEAMLPTLGKVGRVQQIYSDSDLKVEVCGTSWTYNPAAVSKVAS
;
A
2 'polypeptide(L)' NIIKNTWDKSV C
#
# COMPACT_ATOMS: atom_id res chain seq x y z
N SER A 1 -19.64 -24.50 -9.66
CA SER A 1 -20.12 -23.37 -8.88
C SER A 1 -18.96 -22.63 -8.23
N ARG A 2 -19.19 -21.37 -7.88
CA ARG A 2 -18.20 -20.59 -7.17
C ARG A 2 -18.08 -21.07 -5.72
N VAL A 3 -16.85 -21.08 -5.22
CA VAL A 3 -16.56 -21.43 -3.84
C VAL A 3 -15.50 -20.52 -3.27
N MET A 4 -15.43 -20.46 -1.94
CA MET A 4 -14.42 -19.65 -1.27
C MET A 4 -13.06 -20.31 -1.34
N VAL A 5 -12.04 -19.52 -1.67
CA VAL A 5 -10.66 -19.97 -1.60
C VAL A 5 -10.13 -19.71 -0.19
N GLU A 6 -9.85 -20.77 0.55
CA GLU A 6 -9.31 -20.64 1.88
C GLU A 6 -7.81 -20.35 1.76
N GLY A 7 -7.50 -19.14 1.29
CA GLY A 7 -6.14 -18.73 1.01
C GLY A 7 -5.33 -18.43 2.27
N VAL A 8 -4.63 -19.45 2.75
CA VAL A 8 -3.73 -19.29 3.87
C VAL A 8 -2.52 -18.48 3.40
N GLY A 9 -2.15 -17.45 4.16
CA GLY A 9 -1.01 -16.61 3.84
C GLY A 9 -1.39 -15.27 3.26
N ALA A 10 -2.69 -15.05 3.07
CA ALA A 10 -3.17 -13.79 2.56
C ALA A 10 -2.83 -12.65 3.51
N ARG A 11 -2.36 -11.54 2.94
CA ARG A 11 -2.05 -10.35 3.71
C ARG A 11 -3.29 -9.47 3.77
N VAL A 12 -3.76 -9.24 5.00
CA VAL A 12 -5.05 -8.62 5.24
C VAL A 12 -4.98 -7.40 6.14
N VAL A 13 -6.00 -6.55 6.04
CA VAL A 13 -6.24 -5.46 6.96
C VAL A 13 -7.67 -5.56 7.45
N ARG A 14 -8.09 -4.65 8.32
CA ARG A 14 -9.44 -4.73 8.91
C ARG A 14 -10.51 -4.55 7.84
N GLY A 15 -11.67 -5.16 8.09
CA GLY A 15 -12.77 -5.15 7.15
C GLY A 15 -13.89 -4.21 7.55
N PRO A 16 -14.99 -4.21 6.79
CA PRO A 16 -16.10 -3.28 6.99
C PRO A 16 -16.92 -3.53 8.27
N ASP A 17 -16.91 -4.77 8.76
CA ASP A 17 -17.68 -5.11 9.95
C ASP A 17 -16.80 -5.24 11.18
N TRP A 18 -15.61 -4.65 11.10
CA TRP A 18 -14.65 -4.66 12.20
C TRP A 18 -15.23 -4.02 13.46
N LYS A 19 -15.09 -4.71 14.59
CA LYS A 19 -15.58 -4.21 15.88
C LYS A 19 -14.62 -4.58 17.01
N TRP A 20 -13.35 -4.80 16.67
CA TRP A 20 -12.38 -5.33 17.62
C TRP A 20 -11.34 -4.30 18.03
N GLY A 21 -11.76 -3.04 18.13
CA GLY A 21 -10.90 -1.99 18.62
C GLY A 21 -9.63 -1.83 17.81
N LYS A 22 -8.49 -1.95 18.49
CA LYS A 22 -7.18 -1.79 17.85
C LYS A 22 -6.34 -3.06 18.01
N GLN A 23 -6.99 -4.21 17.89
CA GLN A 23 -6.29 -5.49 17.92
C GLN A 23 -5.28 -5.56 16.78
N ASP A 24 -5.66 -4.99 15.64
CA ASP A 24 -4.81 -5.02 14.46
C ASP A 24 -3.70 -3.96 14.53
N GLY A 25 -3.86 -3.02 15.45
CA GLY A 25 -2.90 -1.94 15.62
C GLY A 25 -3.36 -0.65 14.96
N GLY A 26 -4.61 -0.65 14.47
CA GLY A 26 -5.17 0.50 13.80
C GLY A 26 -5.55 0.17 12.36
N GLU A 27 -6.34 1.04 11.74
CA GLU A 27 -6.72 0.83 10.35
C GLU A 27 -5.51 0.97 9.45
N GLY A 28 -5.37 0.03 8.52
CA GLY A 28 -4.25 0.01 7.60
C GLY A 28 -3.15 -0.93 8.06
N HIS A 29 -3.16 -1.28 9.33
CA HIS A 29 -2.15 -2.20 9.84
C HIS A 29 -2.41 -3.61 9.30
N VAL A 30 -1.33 -4.31 8.98
CA VAL A 30 -1.41 -5.53 8.19
C VAL A 30 -1.16 -6.79 9.03
N GLY A 31 -1.85 -7.87 8.67
CA GLY A 31 -1.68 -9.15 9.32
C GLY A 31 -1.68 -10.29 8.33
N THR A 32 -1.35 -11.48 8.82
CA THR A 32 -1.26 -12.68 7.98
C THR A 32 -2.36 -13.68 8.34
N VAL A 33 -3.04 -14.18 7.33
CA VAL A 33 -4.01 -15.26 7.52
C VAL A 33 -3.26 -16.55 7.83
N ARG A 34 -3.36 -17.02 9.06
CA ARG A 34 -2.64 -18.20 9.49
C ARG A 34 -3.37 -19.47 9.09
N SER A 35 -4.67 -19.54 9.40
CA SER A 35 -5.46 -20.71 9.09
C SER A 35 -6.96 -20.42 9.20
N PHE A 36 -7.76 -21.36 8.71
CA PHE A 36 -9.21 -21.28 8.78
C PHE A 36 -9.77 -22.31 9.75
N GLU A 37 -10.42 -21.84 10.80
CA GLU A 37 -11.09 -22.73 11.75
C GLU A 37 -12.27 -23.40 11.07
N SER A 38 -12.99 -22.61 10.28
CA SER A 38 -14.12 -23.08 9.50
C SER A 38 -14.28 -22.13 8.32
N PRO A 39 -15.23 -22.41 7.42
CA PRO A 39 -15.45 -21.43 6.34
C PRO A 39 -16.01 -20.11 6.86
N GLU A 40 -16.38 -20.08 8.13
CA GLU A 40 -16.97 -18.90 8.77
C GLU A 40 -15.93 -18.12 9.56
N GLU A 41 -14.95 -18.82 10.11
CA GLU A 41 -14.00 -18.25 11.05
C GLU A 41 -12.55 -18.40 10.57
N VAL A 42 -11.78 -17.33 10.71
CA VAL A 42 -10.38 -17.32 10.29
C VAL A 42 -9.47 -16.79 11.39
N VAL A 43 -8.26 -17.33 11.51
CA VAL A 43 -7.29 -16.83 12.49
C VAL A 43 -6.20 -16.03 11.78
N VAL A 44 -5.98 -14.82 12.27
CA VAL A 44 -4.96 -13.92 11.74
C VAL A 44 -3.89 -13.63 12.79
N VAL A 45 -2.65 -13.60 12.33
CA VAL A 45 -1.53 -13.15 13.15
C VAL A 45 -1.09 -11.78 12.64
N TRP A 46 -1.45 -10.74 13.38
CA TRP A 46 -1.11 -9.38 12.99
C TRP A 46 0.39 -9.14 13.09
N ASP A 47 0.88 -8.17 12.33
CA ASP A 47 2.30 -7.85 12.32
C ASP A 47 2.79 -7.39 13.69
N ASN A 48 1.90 -6.80 14.48
CA ASN A 48 2.26 -6.34 15.82
C ASN A 48 2.47 -7.51 16.78
N GLY A 49 2.04 -8.71 16.38
CA GLY A 49 2.29 -9.92 17.13
C GLY A 49 1.06 -10.59 17.68
N THR A 50 -0.04 -9.84 17.78
CA THR A 50 -1.26 -10.37 18.37
C THR A 50 -1.97 -11.30 17.40
N ALA A 51 -2.21 -12.53 17.85
CA ALA A 51 -2.93 -13.52 17.06
C ALA A 51 -4.37 -13.60 17.52
N ALA A 52 -5.31 -13.57 16.58
CA ALA A 52 -6.73 -13.59 16.94
C ALA A 52 -7.61 -14.20 15.86
N ASN A 53 -8.86 -14.46 16.22
CA ASN A 53 -9.84 -15.08 15.32
C ASN A 53 -10.88 -14.06 14.87
N TYR A 54 -11.37 -14.22 13.64
CA TYR A 54 -12.26 -13.23 13.04
C TYR A 54 -13.29 -13.85 12.10
N ARG A 55 -14.34 -13.08 11.84
CA ARG A 55 -15.46 -13.50 11.00
C ARG A 55 -15.16 -13.26 9.52
N CYS A 56 -15.53 -14.23 8.68
CA CYS A 56 -15.40 -14.10 7.25
C CYS A 56 -16.63 -14.66 6.54
N SER A 57 -17.79 -14.48 7.17
CA SER A 57 -19.07 -14.87 6.58
C SER A 57 -20.19 -14.14 7.30
N GLY A 58 -21.16 -13.63 6.54
CA GLY A 58 -22.19 -12.78 7.10
C GLY A 58 -21.58 -11.45 7.49
N ALA A 59 -20.77 -11.49 8.56
CA ALA A 59 -19.94 -10.36 8.92
C ALA A 59 -18.54 -10.57 8.34
N TYR A 60 -17.88 -9.48 8.01
CA TYR A 60 -16.53 -9.55 7.43
C TYR A 60 -15.59 -8.59 8.12
N ASP A 61 -14.72 -9.14 8.96
CA ASP A 61 -13.80 -8.36 9.77
C ASP A 61 -12.52 -7.99 9.02
N LEU A 62 -12.32 -8.59 7.85
CA LEU A 62 -11.06 -8.46 7.13
C LEU A 62 -11.22 -8.14 5.64
N ARG A 63 -10.32 -7.30 5.15
CA ARG A 63 -10.16 -7.06 3.72
C ARG A 63 -8.82 -7.63 3.27
N ILE A 64 -8.75 -8.10 2.04
CA ILE A 64 -7.52 -8.66 1.48
C ILE A 64 -6.66 -7.57 0.84
N LEU A 65 -5.48 -7.34 1.41
CA LEU A 65 -4.55 -6.36 0.86
C LEU A 65 -3.70 -7.01 -0.22
N ASP A 66 -3.19 -8.21 0.06
CA ASP A 66 -2.40 -8.93 -0.93
C ASP A 66 -2.54 -10.44 -0.80
N SER A 67 -3.12 -11.06 -1.82
CA SER A 67 -3.34 -12.51 -1.83
C SER A 67 -2.19 -13.25 -2.52
N ALA A 68 -1.25 -12.50 -3.08
CA ALA A 68 -0.16 -13.08 -3.85
C ALA A 68 0.64 -14.14 -3.08
N PRO A 69 0.89 -13.91 -1.77
CA PRO A 69 1.61 -14.93 -1.00
C PRO A 69 0.91 -16.30 -0.98
N THR A 70 -0.39 -16.34 -1.26
CA THR A 70 -1.10 -17.62 -1.31
C THR A 70 -0.77 -18.37 -2.59
N GLY A 71 -0.18 -17.66 -3.55
CA GLY A 71 0.21 -18.26 -4.81
C GLY A 71 -0.92 -18.32 -5.82
N ILE A 72 -2.10 -17.86 -5.43
CA ILE A 72 -3.24 -17.84 -6.36
C ILE A 72 -2.88 -16.98 -7.55
N LYS A 73 -3.15 -17.47 -8.74
CA LYS A 73 -2.75 -16.78 -9.96
C LYS A 73 -3.79 -16.92 -11.05
N HIS A 74 -3.75 -15.98 -11.99
CA HIS A 74 -4.69 -15.95 -13.11
C HIS A 74 -3.97 -16.29 -14.41
N ASP A 75 -3.75 -17.58 -14.64
CA ASP A 75 -3.08 -18.05 -15.84
C ASP A 75 -3.78 -17.51 -17.08
N GLY A 76 -2.99 -17.02 -18.03
CA GLY A 76 -3.52 -16.45 -19.25
C GLY A 76 -3.70 -14.94 -19.16
N THR A 77 -3.13 -14.34 -18.14
CA THR A 77 -3.16 -12.88 -17.99
C THR A 77 -1.76 -12.32 -17.79
N MET A 78 -1.64 -11.02 -17.98
CA MET A 78 -0.38 -10.30 -17.79
C MET A 78 -0.69 -8.89 -17.33
N CYS A 79 0.07 -8.40 -16.35
CA CYS A 79 -0.03 -7.00 -15.97
C CYS A 79 0.62 -6.15 -17.04
N ASP A 80 -0.14 -5.26 -17.64
CA ASP A 80 0.36 -4.50 -18.78
C ASP A 80 1.32 -3.37 -18.40
N THR A 81 1.58 -3.20 -17.11
CA THR A 81 2.55 -2.21 -16.66
C THR A 81 3.87 -2.86 -16.28
N CYS A 82 3.84 -3.79 -15.31
CA CYS A 82 5.06 -4.43 -14.84
C CYS A 82 5.31 -5.77 -15.53
N ARG A 83 4.39 -6.19 -16.38
CA ARG A 83 4.54 -7.38 -17.21
C ARG A 83 4.68 -8.67 -16.40
N GLN A 84 4.16 -8.66 -15.17
CA GLN A 84 4.05 -9.89 -14.40
C GLN A 84 3.12 -10.83 -15.14
N GLN A 85 3.57 -12.07 -15.31
CA GLN A 85 2.85 -13.04 -16.13
C GLN A 85 3.11 -14.46 -15.61
N PRO A 86 2.07 -15.13 -15.07
CA PRO A 86 0.68 -14.67 -14.89
C PRO A 86 0.52 -13.65 -13.75
N ILE A 87 -0.59 -12.94 -13.74
CA ILE A 87 -0.92 -12.10 -12.60
C ILE A 87 -1.13 -13.01 -11.40
N ILE A 88 -0.37 -12.75 -10.33
CA ILE A 88 -0.49 -13.50 -9.10
C ILE A 88 -1.19 -12.60 -8.07
N GLY A 89 -2.18 -13.17 -7.40
CA GLY A 89 -3.00 -12.44 -6.46
C GLY A 89 -4.27 -11.94 -7.12
N ILE A 90 -4.80 -10.83 -6.62
CA ILE A 90 -6.01 -10.23 -7.19
C ILE A 90 -5.74 -9.71 -8.59
N ARG A 91 -6.71 -9.90 -9.49
CA ARG A 91 -6.63 -9.38 -10.84
C ARG A 91 -7.47 -8.11 -10.97
N TRP A 92 -6.89 -7.07 -11.58
CA TRP A 92 -7.61 -5.81 -11.78
C TRP A 92 -7.67 -5.50 -13.27
N LYS A 93 -8.88 -5.44 -13.82
CA LYS A 93 -9.06 -5.30 -15.25
C LYS A 93 -9.69 -3.95 -15.58
N CYS A 94 -9.03 -3.14 -16.39
CA CYS A 94 -9.61 -1.85 -16.74
C CYS A 94 -10.86 -2.07 -17.56
N ALA A 95 -11.96 -1.51 -17.07
CA ALA A 95 -13.24 -1.65 -17.72
C ALA A 95 -13.37 -0.72 -18.93
N GLU A 96 -12.54 0.33 -18.96
CA GLU A 96 -12.70 1.38 -19.97
C GLU A 96 -11.70 1.26 -21.12
N CYS A 97 -10.84 0.24 -21.06
CA CYS A 97 -9.89 -0.04 -22.14
C CYS A 97 -10.10 -1.44 -22.68
N THR A 98 -9.56 -1.68 -23.88
CA THR A 98 -9.58 -3.00 -24.48
C THR A 98 -8.45 -3.86 -23.92
N ASN A 99 -8.83 -4.95 -23.24
CA ASN A 99 -7.87 -5.99 -22.87
C ASN A 99 -6.68 -5.43 -22.09
N TYR A 100 -6.97 -4.78 -20.96
CA TYR A 100 -5.94 -4.18 -20.13
C TYR A 100 -6.11 -4.61 -18.67
N ASP A 101 -5.04 -5.10 -18.07
CA ASP A 101 -5.07 -5.58 -16.69
C ASP A 101 -3.86 -5.09 -15.89
N LEU A 102 -4.05 -4.97 -14.58
CA LEU A 102 -2.97 -4.64 -13.66
C LEU A 102 -2.91 -5.66 -12.54
N CYS A 103 -1.72 -5.84 -11.98
CA CYS A 103 -1.57 -6.58 -10.74
C CYS A 103 -1.89 -5.66 -9.57
N THR A 104 -1.84 -6.21 -8.36
CA THR A 104 -2.24 -5.46 -7.18
C THR A 104 -1.25 -4.33 -6.87
N VAL A 105 0.04 -4.63 -6.98
CA VAL A 105 1.09 -3.64 -6.77
C VAL A 105 0.89 -2.43 -7.68
N CYS A 106 0.64 -2.69 -8.96
CA CYS A 106 0.50 -1.61 -9.94
C CYS A 106 -0.83 -0.90 -9.78
N TYR A 107 -1.87 -1.64 -9.39
CA TYR A 107 -3.19 -1.04 -9.22
C TYR A 107 -3.17 -0.07 -8.04
N HIS A 108 -2.73 -0.56 -6.88
CA HIS A 108 -2.65 0.31 -5.71
C HIS A 108 -1.54 1.33 -5.87
N GLY A 109 -0.61 1.06 -6.79
CA GLY A 109 0.50 1.95 -7.07
C GLY A 109 0.19 3.00 -8.11
N ASP A 110 -1.10 3.18 -8.39
CA ASP A 110 -1.59 4.27 -9.25
C ASP A 110 -1.02 4.22 -10.67
N LYS A 111 -0.86 3.02 -11.21
CA LYS A 111 -0.47 2.86 -12.60
C LYS A 111 -1.70 2.93 -13.50
N HIS A 112 -1.49 3.14 -14.79
CA HIS A 112 -2.58 3.34 -15.74
C HIS A 112 -3.31 4.63 -15.36
N HIS A 113 -4.50 4.85 -15.89
CA HIS A 113 -5.25 6.08 -15.64
C HIS A 113 -6.14 5.96 -14.41
N LEU A 114 -5.98 6.90 -13.49
CA LEU A 114 -6.70 6.88 -12.22
C LEU A 114 -8.18 7.16 -12.39
N ARG A 115 -8.55 7.76 -13.52
CA ARG A 115 -9.95 8.07 -13.80
C ARG A 115 -10.65 6.92 -14.54
N HIS A 116 -9.87 5.94 -15.00
CA HIS A 116 -10.43 4.73 -15.58
C HIS A 116 -10.90 3.80 -14.47
N ARG A 117 -12.16 3.37 -14.55
CA ARG A 117 -12.71 2.46 -13.57
C ARG A 117 -12.33 1.02 -13.90
N PHE A 118 -11.99 0.27 -12.86
CA PHE A 118 -11.55 -1.12 -13.02
C PHE A 118 -12.59 -2.11 -12.53
N TYR A 119 -12.54 -3.32 -13.08
CA TYR A 119 -13.12 -4.50 -12.47
C TYR A 119 -12.15 -5.13 -11.50
N ARG A 120 -12.64 -5.52 -10.33
CA ARG A 120 -11.91 -6.42 -9.45
C ARG A 120 -12.28 -7.85 -9.77
N ILE A 121 -11.26 -8.68 -9.98
CA ILE A 121 -11.42 -10.11 -10.21
C ILE A 121 -10.51 -10.80 -9.21
N THR A 122 -11.08 -11.14 -8.04
CA THR A 122 -10.29 -11.59 -6.91
C THR A 122 -9.70 -12.97 -7.16
N THR A 123 -10.51 -13.88 -7.67
CA THR A 123 -10.07 -15.23 -7.98
C THR A 123 -10.46 -15.59 -9.41
N PRO A 124 -9.80 -16.60 -9.99
CA PRO A 124 -10.19 -17.10 -11.32
C PRO A 124 -11.67 -17.41 -11.45
N GLY A 125 -12.31 -17.78 -10.34
CA GLY A 125 -13.72 -18.14 -10.35
C GLY A 125 -14.64 -16.97 -10.06
N SER A 126 -14.06 -15.81 -9.75
CA SER A 126 -14.84 -14.64 -9.39
C SER A 126 -15.54 -14.02 -10.58
N GLU A 127 -16.73 -13.49 -10.35
CA GLU A 127 -17.40 -12.62 -11.31
C GLU A 127 -16.84 -11.21 -11.16
N ARG A 128 -16.59 -10.54 -12.27
CA ARG A 128 -15.93 -9.24 -12.23
C ARG A 128 -16.82 -8.17 -11.61
N VAL A 129 -16.23 -7.38 -10.73
CA VAL A 129 -16.95 -6.34 -9.98
C VAL A 129 -16.46 -4.94 -10.35
N LEU A 130 -17.33 -4.16 -10.98
CA LEU A 130 -16.98 -2.81 -11.41
C LEU A 130 -16.82 -1.89 -10.20
N LEU A 131 -15.74 -1.13 -10.19
CA LEU A 131 -15.40 -0.26 -9.07
C LEU A 131 -15.51 1.21 -9.43
N GLU A 132 -15.50 2.06 -8.40
CA GLU A 132 -15.34 3.49 -8.60
C GLU A 132 -13.92 3.74 -9.10
N SER A 133 -13.71 4.88 -9.73
CA SER A 133 -12.38 5.25 -10.17
C SER A 133 -11.48 5.45 -8.96
N ARG A 134 -10.20 5.12 -9.11
CA ARG A 134 -9.23 5.31 -8.05
C ARG A 134 -9.15 6.78 -7.65
N ARG A 135 -9.30 7.66 -8.64
CA ARG A 135 -9.14 9.09 -8.41
C ARG A 135 -10.22 9.66 -7.49
N LYS A 136 -11.38 9.03 -7.43
CA LYS A 136 -12.46 9.50 -6.55
C LYS A 136 -12.60 8.67 -5.28
N SER A 137 -11.66 7.77 -5.04
CA SER A 137 -11.76 6.82 -3.94
C SER A 137 -10.71 7.05 -2.86
N LYS A 138 -11.04 6.62 -1.65
CA LYS A 138 -10.16 6.82 -0.50
C LYS A 138 -8.92 5.95 -0.59
N LYS A 139 -7.77 6.54 -0.28
CA LYS A 139 -6.50 5.83 -0.26
C LYS A 139 -5.86 5.97 1.11
N ILE A 140 -5.42 4.85 1.69
CA ILE A 140 -4.76 4.87 3.00
C ILE A 140 -3.47 4.07 2.99
N THR A 141 -2.65 4.28 4.01
CA THR A 141 -1.32 3.69 4.06
C THR A 141 -1.30 2.38 4.83
N ALA A 142 -0.62 1.38 4.26
CA ALA A 142 -0.41 0.12 4.95
C ALA A 142 0.72 0.29 5.95
N ARG A 143 0.57 -0.32 7.13
CA ARG A 143 1.59 -0.28 8.16
C ARG A 143 1.85 -1.67 8.73
N GLY A 144 3.11 -1.94 9.07
CA GLY A 144 3.49 -3.21 9.64
C GLY A 144 4.87 -3.65 9.19
N ILE A 145 5.00 -4.94 8.86
CA ILE A 145 6.28 -5.49 8.45
C ILE A 145 6.56 -5.10 7.00
N PHE A 146 7.29 -4.01 6.85
CA PHE A 146 7.76 -3.57 5.54
C PHE A 146 9.17 -3.03 5.69
N ALA A 147 9.76 -2.57 4.59
CA ALA A 147 11.11 -2.02 4.61
C ALA A 147 11.24 -0.92 5.65
N GLY A 148 12.18 -1.09 6.58
CA GLY A 148 12.44 -0.12 7.61
C GLY A 148 11.87 -0.50 8.97
N ALA A 149 10.99 -1.49 8.99
CA ALA A 149 10.34 -1.91 10.21
C ALA A 149 11.36 -2.52 11.19
N ARG A 150 11.14 -2.29 12.47
CA ARG A 150 11.93 -2.92 13.52
C ARG A 150 11.15 -4.11 14.05
N VAL A 151 11.80 -5.28 14.03
CA VAL A 151 11.14 -6.55 14.30
C VAL A 151 11.87 -7.42 15.32
N VAL A 152 11.12 -8.35 15.91
CA VAL A 152 11.68 -9.44 16.69
C VAL A 152 11.16 -10.75 16.11
N ARG A 153 11.59 -11.88 16.64
CA ARG A 153 11.13 -13.17 16.12
C ARG A 153 9.65 -13.36 16.43
N GLY A 154 8.94 -13.97 15.48
CA GLY A 154 7.52 -14.19 15.60
C GLY A 154 7.19 -15.59 16.11
N VAL A 155 5.93 -15.96 16.05
CA VAL A 155 5.46 -17.22 16.63
C VAL A 155 5.95 -18.45 15.89
N ASP A 156 6.06 -18.35 14.57
CA ASP A 156 6.45 -19.48 13.73
C ASP A 156 7.96 -19.57 13.54
N TRP A 157 8.71 -18.82 14.35
CA TRP A 157 10.16 -18.87 14.32
C TRP A 157 10.66 -20.31 14.49
N GLN A 158 11.50 -20.74 13.56
CA GLN A 158 12.08 -22.09 13.60
C GLN A 158 13.53 -22.05 13.12
N TRP A 159 14.19 -20.93 13.37
CA TRP A 159 15.51 -20.64 12.81
C TRP A 159 16.58 -20.50 13.89
N GLU A 160 16.42 -21.27 14.96
CA GLU A 160 17.41 -21.32 16.04
C GLU A 160 17.70 -19.90 16.58
N ASP A 161 18.98 -19.51 16.62
CA ASP A 161 19.38 -18.24 17.22
C ASP A 161 20.04 -17.31 16.20
N GLN A 162 19.45 -17.24 15.01
CA GLN A 162 19.96 -16.35 13.97
C GLN A 162 19.77 -14.88 14.35
N ASP A 163 18.82 -14.61 15.22
CA ASP A 163 18.55 -13.25 15.67
C ASP A 163 19.40 -12.87 16.88
N GLY A 164 20.19 -13.82 17.36
CA GLY A 164 21.01 -13.60 18.54
C GLY A 164 20.28 -13.91 19.82
N GLY A 165 19.03 -14.37 19.69
CA GLY A 165 18.21 -14.72 20.84
C GLY A 165 16.84 -14.08 20.78
N ASN A 166 15.86 -14.73 21.41
CA ASN A 166 14.50 -14.21 21.46
C ASN A 166 14.46 -12.84 22.11
N GLY A 167 13.80 -11.90 21.45
CA GLY A 167 13.69 -10.53 21.96
C GLY A 167 14.72 -9.60 21.34
N ARG A 168 15.80 -10.17 20.81
CA ARG A 168 16.79 -9.37 20.09
C ARG A 168 16.15 -8.83 18.83
N ARG A 169 16.57 -7.63 18.42
CA ARG A 169 15.89 -6.90 17.35
C ARG A 169 16.70 -6.87 16.06
N GLY A 170 16.01 -6.55 14.98
CA GLY A 170 16.61 -6.40 13.67
C GLY A 170 15.81 -5.45 12.82
N LYS A 171 16.30 -5.17 11.62
CA LYS A 171 15.62 -4.25 10.71
C LYS A 171 15.27 -4.95 9.40
N VAL A 172 14.00 -4.84 9.00
CA VAL A 172 13.56 -5.33 7.71
C VAL A 172 14.13 -4.41 6.62
N THR A 173 14.93 -4.99 5.73
CA THR A 173 15.57 -4.22 4.68
C THR A 173 14.73 -4.24 3.41
N GLU A 174 13.96 -5.30 3.23
CA GLU A 174 13.24 -5.52 1.99
C GLU A 174 12.24 -6.66 2.10
N ILE A 175 11.09 -6.50 1.47
CA ILE A 175 10.13 -7.60 1.31
C ILE A 175 10.48 -8.34 0.02
N GLN A 176 10.55 -9.67 0.10
CA GLN A 176 10.93 -10.49 -1.04
C GLN A 176 9.97 -11.66 -1.22
N ASP A 177 10.20 -12.42 -2.29
CA ASP A 177 9.46 -13.64 -2.55
C ASP A 177 10.18 -14.83 -1.91
N TRP A 178 9.49 -15.55 -1.04
CA TRP A 178 10.08 -16.75 -0.43
C TRP A 178 10.33 -17.79 -1.51
N SER A 179 9.45 -17.82 -2.49
CA SER A 179 9.62 -18.67 -3.66
C SER A 179 8.99 -17.97 -4.87
N ALA A 180 9.25 -18.48 -6.07
CA ALA A 180 8.72 -17.88 -7.28
C ALA A 180 7.19 -17.94 -7.31
N SER A 181 6.63 -18.98 -6.70
CA SER A 181 5.19 -19.19 -6.71
C SER A 181 4.47 -18.42 -5.60
N SER A 182 5.24 -17.82 -4.70
CA SER A 182 4.67 -17.07 -3.57
C SER A 182 5.38 -15.74 -3.38
N PRO A 183 4.98 -14.71 -4.17
CA PRO A 183 5.62 -13.40 -4.07
C PRO A 183 5.19 -12.60 -2.84
N HIS A 184 6.02 -11.62 -2.47
CA HIS A 184 5.70 -10.67 -1.40
C HIS A 184 5.43 -11.38 -0.09
N SER A 185 6.08 -12.53 0.11
CA SER A 185 5.76 -13.42 1.22
C SER A 185 6.89 -13.55 2.23
N ALA A 186 8.01 -12.87 1.96
CA ALA A 186 9.17 -12.94 2.85
C ALA A 186 9.71 -11.56 3.20
N ALA A 187 10.44 -11.50 4.30
CA ALA A 187 11.13 -10.28 4.71
C ALA A 187 12.59 -10.58 4.97
N TYR A 188 13.47 -9.81 4.34
CA TYR A 188 14.90 -9.93 4.58
C TYR A 188 15.29 -9.02 5.74
N VAL A 189 15.93 -9.62 6.74
CA VAL A 189 16.23 -8.92 7.98
C VAL A 189 17.74 -8.86 8.23
N LEU A 190 18.17 -7.66 8.63
CA LEU A 190 19.52 -7.41 9.14
C LEU A 190 19.43 -7.24 10.64
N TRP A 191 19.83 -8.27 11.38
CA TRP A 191 19.74 -8.25 12.84
C TRP A 191 20.73 -7.28 13.44
N ASP A 192 20.43 -6.82 14.66
CA ASP A 192 21.25 -5.82 15.34
C ASP A 192 22.65 -6.34 15.66
N ASN A 193 22.82 -7.66 15.65
CA ASN A 193 24.11 -8.26 15.95
C ASN A 193 24.95 -8.53 14.69
N GLY A 194 24.47 -8.06 13.54
CA GLY A 194 25.20 -8.18 12.29
C GLY A 194 24.76 -9.36 11.46
N ALA A 195 24.07 -10.31 12.08
CA ALA A 195 23.53 -11.45 11.35
C ALA A 195 22.41 -10.98 10.43
N LYS A 196 22.18 -11.72 9.34
CA LYS A 196 21.15 -11.34 8.38
C LYS A 196 20.58 -12.56 7.67
N ASN A 197 19.29 -12.50 7.35
CA ASN A 197 18.64 -13.63 6.68
C ASN A 197 17.22 -13.33 6.21
N LEU A 198 16.67 -14.24 5.41
CA LEU A 198 15.31 -14.11 4.88
C LEU A 198 14.32 -14.88 5.75
N TYR A 199 13.17 -14.29 6.03
CA TYR A 199 12.18 -14.93 6.90
C TYR A 199 10.77 -14.87 6.34
N ARG A 200 9.93 -15.80 6.77
CA ARG A 200 8.58 -15.92 6.25
C ARG A 200 7.65 -14.87 6.87
N VAL A 201 7.02 -14.09 6.00
CA VAL A 201 5.97 -13.15 6.41
C VAL A 201 4.81 -13.31 5.45
N GLY A 202 4.10 -14.43 5.58
CA GLY A 202 2.95 -14.72 4.75
C GLY A 202 3.03 -16.07 4.06
N PHE A 203 4.25 -16.53 3.77
CA PHE A 203 4.44 -17.80 3.09
C PHE A 203 3.82 -18.94 3.89
N GLU A 204 2.89 -19.65 3.25
CA GLU A 204 2.18 -20.77 3.88
C GLU A 204 1.54 -20.37 5.20
N GLY A 205 1.18 -19.10 5.33
CA GLY A 205 0.52 -18.60 6.52
C GLY A 205 1.44 -18.45 7.72
N MET A 206 2.74 -18.47 7.46
CA MET A 206 3.74 -18.41 8.54
C MET A 206 4.09 -16.98 8.91
N SER A 207 4.36 -16.76 10.20
CA SER A 207 4.76 -15.46 10.72
C SER A 207 6.04 -15.61 11.53
N ASP A 208 7.18 -15.46 10.88
CA ASP A 208 8.47 -15.61 11.54
C ASP A 208 8.92 -14.34 12.27
N LEU A 209 8.21 -13.24 12.04
CA LEU A 209 8.61 -11.95 12.60
C LEU A 209 7.46 -11.23 13.30
N LYS A 210 7.83 -10.37 14.24
CA LYS A 210 6.88 -9.51 14.94
C LYS A 210 7.40 -8.09 14.99
N CYS A 211 6.54 -7.13 14.67
CA CYS A 211 6.88 -5.72 14.75
C CYS A 211 7.03 -5.24 16.19
N VAL A 212 8.05 -4.42 16.42
CA VAL A 212 8.16 -3.60 17.60
C VAL A 212 8.11 -2.14 17.16
N GLN A 213 8.49 -1.91 15.90
CA GLN A 213 8.23 -0.63 15.25
C GLN A 213 7.81 -0.88 13.81
N ASP A 214 6.53 -0.67 13.54
CA ASP A 214 5.99 -0.92 12.21
C ASP A 214 6.46 0.17 11.24
N ALA A 215 6.50 -0.18 9.95
CA ALA A 215 6.91 0.75 8.91
C ALA A 215 5.81 0.89 7.88
N LYS A 216 5.87 1.96 7.09
CA LYS A 216 4.89 2.17 6.04
C LYS A 216 5.20 1.29 4.84
N GLY A 217 4.16 0.67 4.29
CA GLY A 217 4.28 -0.25 3.18
C GLY A 217 3.50 0.20 1.95
N GLY A 218 3.41 1.50 1.75
CA GLY A 218 2.74 2.04 0.59
C GLY A 218 1.24 2.10 0.78
N SER A 219 0.57 2.80 -0.12
CA SER A 219 -0.84 3.12 0.03
C SER A 219 -1.74 2.21 -0.81
N PHE A 220 -3.00 2.08 -0.39
CA PHE A 220 -3.96 1.25 -1.10
C PHE A 220 -5.37 1.82 -0.99
N TYR A 221 -6.20 1.44 -1.96
CA TYR A 221 -7.59 1.84 -2.00
C TYR A 221 -8.40 0.85 -1.17
N ARG A 222 -8.65 1.24 0.07
CA ARG A 222 -9.28 0.39 1.07
C ARG A 222 -10.59 -0.23 0.60
N ASP A 223 -11.50 0.60 0.10
CA ASP A 223 -12.83 0.14 -0.26
C ASP A 223 -12.84 -0.70 -1.55
N HIS A 224 -11.69 -0.76 -2.22
CA HIS A 224 -11.57 -1.56 -3.44
C HIS A 224 -11.03 -2.96 -3.13
N CYS A 225 -10.46 -3.13 -1.95
CA CYS A 225 -10.00 -4.44 -1.52
C CYS A 225 -11.21 -5.35 -1.28
N PRO A 226 -11.12 -6.61 -1.72
CA PRO A 226 -12.24 -7.53 -1.46
C PRO A 226 -12.27 -7.95 0.00
N VAL A 227 -13.46 -8.26 0.51
CA VAL A 227 -13.58 -8.80 1.85
C VAL A 227 -13.10 -10.25 1.83
N LEU A 228 -12.43 -10.67 2.89
CA LEU A 228 -11.97 -12.05 2.99
C LEU A 228 -13.17 -12.97 3.16
N GLY A 229 -13.33 -13.90 2.22
CA GLY A 229 -14.44 -14.84 2.26
C GLY A 229 -15.73 -14.19 1.80
N VAL A 246 8.19 13.57 -5.65
CA VAL A 246 8.93 12.47 -6.26
C VAL A 246 8.00 11.31 -6.62
N ASN A 247 7.76 11.13 -7.92
CA ASN A 247 6.97 10.02 -8.42
C ASN A 247 7.42 9.65 -9.83
N ILE A 248 7.20 8.40 -10.21
CA ILE A 248 7.60 7.90 -11.52
C ILE A 248 6.39 7.30 -12.23
N ASP A 249 6.06 7.85 -13.40
CA ASP A 249 4.87 7.46 -14.14
C ASP A 249 5.21 6.97 -15.55
N LEU A 250 6.45 6.54 -15.74
CA LEU A 250 6.92 6.08 -17.04
C LEU A 250 7.22 4.58 -16.99
N ASP A 251 7.24 3.95 -18.16
CA ASP A 251 7.58 2.54 -18.25
C ASP A 251 8.96 2.27 -17.66
N LEU A 252 9.17 1.07 -17.15
CA LEU A 252 10.47 0.66 -16.62
C LEU A 252 11.57 0.86 -17.66
N GLU A 253 11.26 0.57 -18.91
CA GLU A 253 12.23 0.69 -19.99
C GLU A 253 12.54 2.16 -20.28
N ILE A 254 11.51 3.00 -20.30
CA ILE A 254 11.69 4.43 -20.53
C ILE A 254 12.48 5.03 -19.38
N VAL A 255 12.28 4.50 -18.19
CA VAL A 255 13.02 4.95 -17.02
C VAL A 255 14.48 4.50 -17.12
N GLN A 256 14.67 3.25 -17.52
CA GLN A 256 16.01 2.71 -17.70
C GLN A 256 16.80 3.50 -18.74
N SER A 257 16.19 3.72 -19.89
CA SER A 257 16.85 4.42 -21.00
C SER A 257 17.16 5.87 -20.65
N LEU A 258 16.44 6.42 -19.67
CA LEU A 258 16.65 7.80 -19.23
C LEU A 258 17.73 7.89 -18.16
N GLN A 259 18.04 6.76 -17.53
CA GLN A 259 19.01 6.73 -16.44
C GLN A 259 20.44 6.48 -16.94
N HIS A 260 20.59 6.27 -18.25
CA HIS A 260 21.91 6.07 -18.84
C HIS A 260 22.81 7.27 -18.61
N GLY A 261 23.39 7.35 -17.42
CA GLY A 261 24.31 8.42 -17.07
C GLY A 261 23.70 9.45 -16.12
N HIS A 262 22.76 9.00 -15.30
CA HIS A 262 22.09 9.89 -14.35
C HIS A 262 21.69 9.17 -13.07
N GLY A 263 22.36 8.05 -12.79
CA GLY A 263 22.06 7.25 -11.61
C GLY A 263 22.14 5.77 -11.92
N GLY A 264 21.58 5.38 -13.06
CA GLY A 264 21.62 4.00 -13.49
C GLY A 264 20.51 3.19 -12.85
N TRP A 265 20.46 1.90 -13.19
CA TRP A 265 19.41 1.01 -12.68
C TRP A 265 19.94 -0.20 -11.93
N THR A 266 19.50 -0.34 -10.69
CA THR A 266 19.64 -1.58 -9.93
C THR A 266 18.24 -1.99 -9.49
N ASP A 267 17.96 -3.29 -9.55
CA ASP A 267 16.61 -3.79 -9.27
C ASP A 267 16.10 -3.37 -7.90
N GLY A 268 17.02 -3.16 -6.97
CA GLY A 268 16.67 -2.73 -5.61
C GLY A 268 15.87 -1.43 -5.59
N MET A 269 15.84 -0.73 -6.71
CA MET A 269 15.12 0.54 -6.83
C MET A 269 13.69 0.37 -7.32
N PHE A 270 13.27 -0.87 -7.56
CA PHE A 270 11.93 -1.11 -8.13
C PHE A 270 10.84 -0.41 -7.33
N GLU A 271 11.01 -0.34 -6.01
CA GLU A 271 10.08 0.38 -5.13
C GLU A 271 9.71 1.74 -5.72
N THR A 272 10.72 2.43 -6.25
CA THR A 272 10.56 3.79 -6.74
C THR A 272 9.44 3.90 -7.77
N LEU A 273 9.12 2.79 -8.43
CA LEU A 273 8.14 2.83 -9.51
C LEU A 273 6.71 2.93 -8.97
N THR A 274 6.53 2.74 -7.67
CA THR A 274 5.19 2.82 -7.09
C THR A 274 5.19 3.48 -5.71
N THR A 275 6.25 4.23 -5.40
CA THR A 275 6.39 4.85 -4.09
C THR A 275 6.63 6.36 -4.21
N THR A 276 6.00 7.10 -3.30
CA THR A 276 6.21 8.53 -3.19
C THR A 276 7.53 8.81 -2.47
N GLY A 277 8.39 9.59 -3.11
CA GLY A 277 9.67 9.97 -2.52
C GLY A 277 9.68 11.42 -2.10
N THR A 278 10.57 11.75 -1.16
CA THR A 278 10.76 13.12 -0.73
C THR A 278 12.04 13.67 -1.33
N VAL A 279 11.90 14.65 -2.21
CA VAL A 279 13.07 15.29 -2.80
C VAL A 279 13.83 16.03 -1.71
N CYS A 280 14.86 15.37 -1.18
CA CYS A 280 15.68 15.95 -0.13
C CYS A 280 16.99 16.46 -0.70
N GLY A 281 17.35 16.02 -1.90
CA GLY A 281 18.59 16.47 -2.51
C GLY A 281 18.56 16.80 -3.99
N ILE A 282 19.40 17.76 -4.35
CA ILE A 282 19.82 17.99 -5.73
C ILE A 282 21.32 17.71 -5.69
N ASP A 283 21.99 17.57 -6.84
CA ASP A 283 23.43 17.37 -6.82
C ASP A 283 24.13 18.00 -8.02
N GLU A 284 25.46 18.08 -7.91
CA GLU A 284 26.29 18.70 -8.94
C GLU A 284 26.31 17.90 -10.24
N ASP A 285 25.85 16.67 -10.19
CA ASP A 285 25.95 15.76 -11.33
C ASP A 285 24.80 15.95 -12.32
N HIS A 286 24.22 17.15 -12.33
CA HIS A 286 23.10 17.46 -13.21
C HIS A 286 21.90 16.54 -12.94
N ASP A 287 21.73 16.15 -11.68
CA ASP A 287 20.74 15.14 -11.31
C ASP A 287 20.07 15.41 -9.96
N ILE A 288 19.17 14.50 -9.56
CA ILE A 288 18.36 14.67 -8.35
C ILE A 288 18.60 13.55 -7.33
N VAL A 289 18.36 13.84 -6.06
CA VAL A 289 18.46 12.87 -4.97
C VAL A 289 17.16 12.79 -4.15
N VAL A 290 16.61 11.58 -4.09
CA VAL A 290 15.31 11.31 -3.46
C VAL A 290 15.42 10.28 -2.34
N GLN A 291 14.77 10.53 -1.20
CA GLN A 291 14.66 9.53 -0.16
C GLN A 291 13.25 8.94 -0.13
N TYR A 292 13.16 7.68 0.28
CA TYR A 292 11.89 6.97 0.34
C TYR A 292 11.61 6.46 1.75
N PRO A 293 10.34 6.12 2.05
CA PRO A 293 10.01 5.63 3.40
C PRO A 293 10.77 4.36 3.77
N SER A 294 11.38 3.71 2.78
CA SER A 294 12.24 2.56 3.04
C SER A 294 13.45 2.96 3.88
N GLY A 295 13.91 4.19 3.68
CA GLY A 295 15.14 4.67 4.26
C GLY A 295 16.21 4.81 3.17
N ASN A 296 15.84 4.42 1.96
CA ASN A 296 16.75 4.45 0.82
C ASN A 296 16.80 5.81 0.13
N ARG A 297 18.02 6.32 -0.06
CA ARG A 297 18.24 7.47 -0.91
C ARG A 297 18.67 7.00 -2.28
N TRP A 298 18.20 7.68 -3.33
CA TRP A 298 18.55 7.30 -4.70
C TRP A 298 18.58 8.48 -5.66
N THR A 299 19.42 8.37 -6.68
CA THR A 299 19.72 9.48 -7.58
C THR A 299 19.04 9.30 -8.94
N PHE A 300 18.58 10.40 -9.53
CA PHE A 300 17.81 10.31 -10.78
C PHE A 300 18.04 11.42 -11.81
N ASN A 301 17.72 11.05 -13.06
CA ASN A 301 17.55 11.98 -14.18
C ASN A 301 16.31 12.83 -13.94
N PRO A 302 16.36 14.14 -14.30
CA PRO A 302 15.20 15.02 -14.12
C PRO A 302 13.92 14.53 -14.80
N ALA A 303 14.02 13.93 -15.97
CA ALA A 303 12.85 13.58 -16.76
C ALA A 303 12.08 12.39 -16.18
N VAL A 304 12.74 11.59 -15.35
CA VAL A 304 12.12 10.41 -14.77
C VAL A 304 11.10 10.76 -13.71
N LEU A 305 11.34 11.85 -12.98
CA LEU A 305 10.48 12.25 -11.88
C LEU A 305 9.41 13.25 -12.28
N THR A 306 8.27 13.17 -11.59
CA THR A 306 7.24 14.20 -11.64
C THR A 306 7.01 14.65 -10.19
N LYS A 307 6.63 15.90 -10.01
CA LYS A 307 6.65 16.54 -8.69
C LYS A 307 5.86 15.76 -7.63
N ALA A 308 4.56 16.04 -7.49
CA ALA A 308 3.70 15.32 -6.55
C ALA A 308 4.33 15.14 -5.17
N SER A 309 4.25 16.14 -4.28
CA SER A 309 3.48 17.37 -4.47
C SER A 309 4.36 18.60 -4.24
N GLN A 310 3.73 19.78 -4.33
CA GLN A 310 4.42 21.05 -4.16
C GLN A 310 4.09 21.69 -2.83
N PHE A 311 3.63 20.88 -1.88
CA PHE A 311 3.28 21.37 -0.55
C PHE A 311 4.00 20.56 0.52
N GLN A 312 4.14 21.15 1.70
CA GLN A 312 4.69 20.47 2.86
C GLN A 312 3.77 20.66 4.06
N VAL A 313 3.85 19.75 5.01
CA VAL A 313 3.11 19.91 6.26
C VAL A 313 3.58 21.19 6.93
N GLY A 314 2.63 22.06 7.27
CA GLY A 314 2.93 23.33 7.90
C GLY A 314 2.76 24.50 6.95
N ASP A 315 2.70 24.21 5.66
CA ASP A 315 2.50 25.25 4.66
C ASP A 315 1.15 25.95 4.85
N LEU A 316 1.17 27.27 4.85
CA LEU A 316 -0.07 28.04 4.90
C LEU A 316 -0.56 28.26 3.48
N VAL A 317 -1.82 27.90 3.25
CA VAL A 317 -2.41 28.00 1.92
C VAL A 317 -3.74 28.74 1.97
N GLN A 318 -4.04 29.45 0.89
CA GLN A 318 -5.34 30.08 0.73
C GLN A 318 -6.22 29.21 -0.16
N VAL A 319 -7.45 28.98 0.29
CA VAL A 319 -8.41 28.20 -0.46
C VAL A 319 -8.90 29.02 -1.64
N CYS A 320 -8.97 28.37 -2.80
CA CYS A 320 -9.51 28.96 -4.03
C CYS A 320 -10.87 29.64 -3.76
N TYR A 321 -11.10 30.80 -4.37
CA TYR A 321 -12.38 31.52 -4.18
C TYR A 321 -13.21 31.60 -5.47
N ASP A 322 -12.77 30.89 -6.51
CA ASP A 322 -13.62 30.60 -7.66
C ASP A 322 -14.43 29.33 -7.38
N LEU A 323 -15.73 29.49 -7.13
CA LEU A 323 -16.59 28.37 -6.73
C LEU A 323 -16.70 27.30 -7.82
N GLU A 324 -16.86 27.74 -9.07
CA GLU A 324 -16.96 26.84 -10.21
C GLU A 324 -15.76 25.90 -10.23
N ARG A 325 -14.57 26.48 -10.17
CA ARG A 325 -13.35 25.70 -10.29
C ARG A 325 -13.14 24.79 -9.08
N ILE A 326 -13.42 25.27 -7.87
CA ILE A 326 -13.21 24.43 -6.69
C ILE A 326 -14.22 23.29 -6.66
N LYS A 327 -15.43 23.55 -7.15
CA LYS A 327 -16.41 22.47 -7.30
C LYS A 327 -15.88 21.43 -8.27
N LEU A 328 -15.43 21.89 -9.43
CA LEU A 328 -14.82 21.00 -10.41
C LEU A 328 -13.68 20.17 -9.79
N LEU A 329 -12.75 20.88 -9.15
CA LEU A 329 -11.56 20.26 -8.58
C LEU A 329 -11.90 19.27 -7.48
N GLN A 330 -12.85 19.63 -6.62
CA GLN A 330 -13.20 18.78 -5.49
C GLN A 330 -14.02 17.57 -5.94
N ARG A 331 -14.95 17.79 -6.86
CA ARG A 331 -15.74 16.68 -7.39
C ARG A 331 -14.85 15.71 -8.16
N GLY A 332 -13.93 16.25 -8.94
CA GLY A 332 -13.00 15.43 -9.70
C GLY A 332 -12.20 14.47 -8.83
N HIS A 333 -12.01 14.84 -7.57
CA HIS A 333 -11.26 14.01 -6.62
C HIS A 333 -12.16 13.34 -5.58
N GLY A 334 -13.46 13.48 -5.78
CA GLY A 334 -14.43 12.85 -4.89
C GLY A 334 -14.41 13.41 -3.48
N GLU A 335 -14.29 14.73 -3.36
CA GLU A 335 -14.17 15.37 -2.05
C GLU A 335 -15.00 16.65 -1.93
N TRP A 336 -16.02 16.82 -2.76
CA TRP A 336 -16.86 18.00 -2.66
C TRP A 336 -17.97 17.84 -1.63
N ALA A 337 -18.23 18.93 -0.91
CA ALA A 337 -19.35 19.01 0.02
C ALA A 337 -19.78 20.47 0.12
N GLU A 338 -21.08 20.72 0.06
CA GLU A 338 -21.60 22.09 0.15
C GLU A 338 -21.12 22.77 1.43
N ALA A 339 -20.95 21.97 2.48
CA ALA A 339 -20.49 22.47 3.77
C ALA A 339 -19.13 23.18 3.66
N MET A 340 -18.43 22.97 2.55
CA MET A 340 -17.13 23.60 2.34
C MET A 340 -17.24 25.05 1.89
N LEU A 341 -18.45 25.52 1.57
CA LEU A 341 -18.62 26.86 1.01
C LEU A 341 -17.96 27.98 1.83
N PRO A 342 -18.13 27.97 3.17
CA PRO A 342 -17.53 29.05 3.96
C PRO A 342 -16.00 29.09 3.92
N THR A 343 -15.37 28.04 3.39
CA THR A 343 -13.90 27.97 3.41
C THR A 343 -13.27 28.69 2.22
N LEU A 344 -14.08 29.05 1.22
CA LEU A 344 -13.56 29.73 0.04
C LEU A 344 -12.87 31.05 0.42
N GLY A 345 -11.65 31.23 -0.08
CA GLY A 345 -10.88 32.43 0.18
C GLY A 345 -10.12 32.41 1.50
N LYS A 346 -10.42 31.43 2.34
CA LYS A 346 -9.83 31.36 3.68
C LYS A 346 -8.39 30.84 3.65
N VAL A 347 -7.60 31.29 4.62
CA VAL A 347 -6.25 30.81 4.81
C VAL A 347 -6.25 29.68 5.85
N GLY A 348 -5.53 28.60 5.55
CA GLY A 348 -5.45 27.47 6.44
C GLY A 348 -4.08 26.80 6.40
N ARG A 349 -3.90 25.77 7.22
CA ARG A 349 -2.61 25.09 7.33
C ARG A 349 -2.66 23.66 6.80
N VAL A 350 -1.67 23.30 5.99
CA VAL A 350 -1.55 21.94 5.49
C VAL A 350 -1.17 21.02 6.64
N GLN A 351 -2.13 20.22 7.08
CA GLN A 351 -1.97 19.31 8.20
C GLN A 351 -1.30 18.01 7.77
N GLN A 352 -1.75 17.45 6.63
CA GLN A 352 -1.21 16.22 6.10
C GLN A 352 -1.34 16.18 4.59
N ILE A 353 -0.37 15.51 3.94
CA ILE A 353 -0.41 15.29 2.50
C ILE A 353 -0.68 13.81 2.23
N TYR A 354 -1.91 13.51 1.84
CA TYR A 354 -2.34 12.12 1.62
C TYR A 354 -1.57 11.46 0.49
N SER A 355 -1.68 10.14 0.41
CA SER A 355 -0.97 9.36 -0.58
C SER A 355 -1.46 9.64 -2.00
N ASP A 356 -2.71 10.08 -2.13
CA ASP A 356 -3.24 10.45 -3.44
C ASP A 356 -3.02 11.94 -3.71
N SER A 357 -2.10 12.54 -2.96
CA SER A 357 -1.66 13.93 -3.13
C SER A 357 -2.71 14.97 -2.72
N ASP A 358 -3.90 14.53 -2.31
CA ASP A 358 -4.87 15.46 -1.74
C ASP A 358 -4.35 15.96 -0.39
N LEU A 359 -4.83 17.12 0.03
CA LEU A 359 -4.32 17.79 1.23
C LEU A 359 -5.35 17.83 2.35
N LYS A 360 -4.93 17.46 3.56
CA LYS A 360 -5.73 17.69 4.75
C LYS A 360 -5.39 19.09 5.25
N VAL A 361 -6.29 20.04 5.01
CA VAL A 361 -6.04 21.43 5.38
C VAL A 361 -6.92 21.84 6.56
N GLU A 362 -6.29 22.45 7.56
CA GLU A 362 -7.00 23.00 8.71
C GLU A 362 -7.34 24.45 8.44
N VAL A 363 -8.65 24.74 8.41
CA VAL A 363 -9.18 26.05 8.09
C VAL A 363 -10.51 26.26 8.82
N CYS A 364 -10.75 27.47 9.29
CA CYS A 364 -11.92 27.77 10.10
C CYS A 364 -12.01 26.81 11.29
N GLY A 365 -10.87 26.46 11.85
CA GLY A 365 -10.80 25.51 12.95
C GLY A 365 -10.85 24.08 12.47
N THR A 366 -11.87 23.75 11.69
CA THR A 366 -12.05 22.38 11.18
C THR A 366 -10.98 22.02 10.15
N SER A 367 -10.96 20.75 9.74
CA SER A 367 -10.08 20.28 8.68
C SER A 367 -10.88 19.74 7.51
N TRP A 368 -10.37 19.95 6.30
CA TRP A 368 -11.00 19.46 5.09
C TRP A 368 -9.98 18.82 4.16
N THR A 369 -10.47 17.97 3.25
CA THR A 369 -9.62 17.38 2.22
C THR A 369 -9.76 18.18 0.92
N TYR A 370 -8.63 18.68 0.42
CA TYR A 370 -8.62 19.51 -0.78
C TYR A 370 -7.80 18.90 -1.90
N ASN A 371 -8.31 19.05 -3.11
CA ASN A 371 -7.51 18.89 -4.32
C ASN A 371 -6.37 19.90 -4.25
N PRO A 372 -5.11 19.45 -4.44
CA PRO A 372 -3.97 20.37 -4.28
C PRO A 372 -4.04 21.61 -5.19
N ALA A 373 -4.82 21.52 -6.26
CA ALA A 373 -4.98 22.65 -7.17
C ALA A 373 -6.04 23.63 -6.66
N ALA A 374 -6.75 23.25 -5.60
CA ALA A 374 -7.81 24.08 -5.03
C ALA A 374 -7.28 25.05 -3.97
N VAL A 375 -5.98 25.02 -3.72
CA VAL A 375 -5.37 25.94 -2.77
C VAL A 375 -4.07 26.53 -3.33
N SER A 376 -3.71 27.71 -2.84
CA SER A 376 -2.47 28.37 -3.26
C SER A 376 -1.60 28.71 -2.06
N LYS A 377 -0.29 28.53 -2.22
CA LYS A 377 0.64 28.79 -1.13
C LYS A 377 0.69 30.28 -0.81
N VAL A 378 0.53 30.61 0.48
CA VAL A 378 0.62 31.98 0.94
C VAL A 378 2.06 32.32 1.28
N ASN B 1 0.83 -12.49 22.18
CA ASN B 1 -0.50 -12.02 22.66
C ASN B 1 -1.66 -12.69 21.90
N ILE B 2 -1.97 -13.92 22.29
CA ILE B 2 -3.07 -14.65 21.70
C ILE B 2 -4.40 -14.19 22.27
N ILE B 3 -5.28 -13.71 21.40
CA ILE B 3 -6.62 -13.26 21.79
C ILE B 3 -7.66 -14.22 21.22
N LYS B 4 -8.71 -14.47 21.99
CA LYS B 4 -9.82 -15.32 21.54
C LYS B 4 -11.12 -14.54 21.57
N ASN B 5 -11.68 -14.32 20.38
CA ASN B 5 -12.96 -13.64 20.24
C ASN B 5 -14.11 -14.63 20.16
N THR B 6 -15.28 -14.12 20.46
CA THR B 6 -16.49 -14.90 20.48
C THR B 6 -17.60 -14.05 19.93
N TRP B 7 -18.46 -14.64 19.14
CA TRP B 7 -19.59 -13.92 18.61
C TRP B 7 -20.78 -14.85 18.43
#